data_4QDC
#
_entry.id   4QDC
#
_cell.length_a   162.183
_cell.length_b   162.183
_cell.length_c   46.969
_cell.angle_alpha   90.000
_cell.angle_beta   90.000
_cell.angle_gamma   120.000
#
_symmetry.space_group_name_H-M   'P 63'
#
loop_
_entity.id
_entity.type
_entity.pdbx_description
1 polymer '3-ketosteroid 9alpha-hydroxylase oxygenase'
2 non-polymer 'FE2/S2 (INORGANIC) CLUSTER'
3 non-polymer 'FE (III) ION'
4 non-polymer 'SULFATE ION'
5 non-polymer 4-ANDROSTENE-3-17-DIONE
6 non-polymer GLYCEROL
7 non-polymer 'TETRAETHYLENE GLYCOL'
8 water water
#
_entity_poly.entity_id   1
_entity_poly.type   'polypeptide(L)'
_entity_poly.pdbx_seq_one_letter_code
;MSIDTARSGSDDDVEIREIQAAAAPTRFARGWHCLGLLRDFQDGKPHSIEAFGTKLVVFADSKGQLNVLDAYCRHMGGDL
SRGEVKGDSIACPFHDWRWNGKGKCTDIPYARRVPPIAKTRAWTTLERNGQLYVWNDPQGNPPPEDVTIPEIAGYGTDEW
TDWSWKSLRIKGSHCREIVDNVVDMAHFFYIHYSFPRYFKNVFEGHTATQYMHSTGREDVISGTNYDDPNAELRSEATYF
GPSYMIDWLESDANGQTIETILINCHYPVSNNEFVLQYGAIVKKLPGVSDEIAAGMAEQFAEGVQLGFEQDVEIWKNKAP
IDNPLLSEEDGPVYQLRRWYQQFYVDVEDITEDMTKRFEFEIDTTRAVASWQKEVAENLAKQAEGSTATP
;
_entity_poly.pdbx_strand_id   A
#
# COMPACT_ATOMS: atom_id res chain seq x y z
N GLU A 15 -20.69 6.79 -32.57
CA GLU A 15 -19.84 5.69 -33.14
C GLU A 15 -18.39 5.74 -32.63
N ILE A 16 -17.65 6.85 -32.79
CA ILE A 16 -16.34 6.94 -32.14
C ILE A 16 -16.57 7.04 -30.64
N ARG A 17 -16.01 6.10 -29.90
CA ARG A 17 -16.04 6.15 -28.44
C ARG A 17 -15.02 7.19 -27.93
N GLU A 18 -15.45 8.09 -27.06
CA GLU A 18 -14.55 9.08 -26.47
C GLU A 18 -14.24 8.77 -24.99
N ILE A 19 -13.07 9.18 -24.54
CA ILE A 19 -12.68 8.96 -23.15
C ILE A 19 -13.21 10.09 -22.29
N GLN A 20 -13.82 9.76 -21.17
CA GLN A 20 -14.30 10.77 -20.24
C GLN A 20 -13.54 10.65 -18.95
N ALA A 21 -13.18 11.78 -18.36
CA ALA A 21 -12.47 11.75 -17.11
C ALA A 21 -12.69 13.04 -16.39
N ALA A 22 -13.29 12.94 -15.21
CA ALA A 22 -13.48 14.10 -14.37
C ALA A 22 -12.16 14.43 -13.74
N ALA A 23 -12.00 15.66 -13.28
CA ALA A 23 -10.80 16.03 -12.51
C ALA A 23 -10.67 15.12 -11.28
N ALA A 24 -9.44 14.79 -10.88
CA ALA A 24 -9.19 13.99 -9.67
C ALA A 24 -9.75 14.72 -8.47
N PRO A 25 -10.31 14.00 -7.50
CA PRO A 25 -10.82 14.71 -6.35
C PRO A 25 -9.75 15.44 -5.64
N THR A 26 -10.13 16.51 -4.97
CA THR A 26 -9.22 17.26 -4.14
C THR A 26 -9.21 16.65 -2.75
N ARG A 27 -10.36 16.04 -2.37
CA ARG A 27 -10.47 15.35 -1.12
C ARG A 27 -9.60 14.09 -1.05
N PHE A 28 -8.99 13.83 0.10
CA PHE A 28 -8.18 12.62 0.28
C PHE A 28 -8.96 11.53 0.97
N ALA A 29 -8.61 10.29 0.66
CA ALA A 29 -9.31 9.13 1.24
C ALA A 29 -9.27 9.12 2.74
N ARG A 30 -10.43 8.84 3.34
CA ARG A 30 -10.53 8.58 4.76
C ARG A 30 -10.05 7.16 5.04
N GLY A 31 -9.09 7.01 5.95
CA GLY A 31 -8.64 5.68 6.33
C GLY A 31 -7.26 5.62 6.87
N TRP A 32 -6.85 4.41 7.20
CA TRP A 32 -5.49 4.13 7.65
C TRP A 32 -4.55 4.11 6.45
N HIS A 33 -3.40 4.76 6.61
CA HIS A 33 -2.35 4.80 5.62
C HIS A 33 -1.04 4.47 6.31
N CYS A 34 -0.29 3.57 5.69
CA CYS A 34 1.05 3.17 6.15
C CYS A 34 2.07 4.19 5.67
N LEU A 35 2.82 4.73 6.61
CA LEU A 35 3.81 5.73 6.31
C LEU A 35 5.19 5.17 6.12
N GLY A 36 5.39 3.95 6.63
CA GLY A 36 6.64 3.20 6.45
C GLY A 36 6.92 2.29 7.62
N LEU A 37 8.18 1.85 7.69
CA LEU A 37 8.64 0.86 8.68
C LEU A 37 9.06 1.52 9.96
N LEU A 38 8.65 0.90 11.04
CA LEU A 38 9.01 1.40 12.34
C LEU A 38 10.51 1.50 12.43
N ARG A 39 11.22 0.50 11.93
CA ARG A 39 12.68 0.48 12.08
C ARG A 39 13.31 1.75 11.45
N ASP A 40 12.74 2.26 10.37
CA ASP A 40 13.24 3.48 9.70
C ASP A 40 12.93 4.72 10.44
N PHE A 41 11.88 4.69 11.23
CA PHE A 41 11.49 5.86 12.00
C PHE A 41 12.12 5.89 13.40
N GLN A 42 12.60 4.75 13.91
CA GLN A 42 13.07 4.66 15.29
C GLN A 42 14.59 4.93 15.39
N ASP A 43 15.13 5.81 14.57
CA ASP A 43 16.50 6.26 14.70
C ASP A 43 16.67 7.48 15.63
N GLY A 44 15.64 7.92 16.34
CA GLY A 44 15.74 9.19 17.12
C GLY A 44 15.84 10.52 16.34
N LYS A 45 15.68 10.51 15.04
CA LYS A 45 15.69 11.73 14.24
C LYS A 45 14.30 12.04 13.76
N PRO A 46 14.04 13.28 13.35
CA PRO A 46 12.73 13.58 12.82
C PRO A 46 12.67 13.17 11.39
N HIS A 47 11.47 12.89 10.86
CA HIS A 47 11.31 12.47 9.49
C HIS A 47 10.19 13.21 8.86
N SER A 48 10.40 13.62 7.62
CA SER A 48 9.47 14.43 6.93
C SER A 48 8.58 13.54 6.03
N ILE A 49 7.26 13.74 6.08
CA ILE A 49 6.34 13.04 5.21
C ILE A 49 5.43 14.07 4.53
N GLU A 50 5.44 14.11 3.22
CA GLU A 50 4.53 14.93 2.44
C GLU A 50 3.37 14.02 2.03
N ALA A 51 2.25 14.23 2.69
CA ALA A 51 1.06 13.43 2.44
C ALA A 51 -0.20 14.23 2.59
N PHE A 52 -1.26 13.77 1.92
CA PHE A 52 -2.56 14.41 2.06
C PHE A 52 -2.48 15.93 1.86
N GLY A 53 -1.68 16.35 0.90
CA GLY A 53 -1.61 17.72 0.54
C GLY A 53 -0.90 18.57 1.57
N THR A 54 -0.36 17.97 2.62
CA THR A 54 0.35 18.75 3.62
C THR A 54 1.68 18.08 3.96
N LYS A 55 2.27 18.44 5.09
CA LYS A 55 3.51 17.86 5.47
C LYS A 55 3.39 17.51 6.91
N LEU A 56 3.93 16.36 7.23
CA LEU A 56 3.90 15.80 8.59
C LEU A 56 5.31 15.54 9.07
N VAL A 57 5.44 15.55 10.40
CA VAL A 57 6.68 15.14 11.03
C VAL A 57 6.44 13.89 11.87
N VAL A 58 7.30 12.91 11.64
CA VAL A 58 7.37 11.70 12.44
C VAL A 58 8.63 11.69 13.31
N PHE A 59 8.45 11.41 14.60
CA PHE A 59 9.59 11.25 15.46
C PHE A 59 9.31 10.35 16.69
N ALA A 60 10.37 9.67 17.12
CA ALA A 60 10.34 8.87 18.35
C ALA A 60 10.65 9.71 19.60
N ASP A 61 9.84 9.51 20.64
CA ASP A 61 10.11 10.09 21.95
C ASP A 61 11.22 9.28 22.60
N SER A 62 11.55 9.62 23.84
CA SER A 62 12.69 8.99 24.51
C SER A 62 12.42 7.55 24.92
N LYS A 63 11.15 7.16 24.98
CA LYS A 63 10.76 5.76 25.16
C LYS A 63 10.60 5.00 23.86
N GLY A 64 10.81 5.65 22.74
CA GLY A 64 10.75 4.98 21.46
C GLY A 64 9.39 4.96 20.79
N GLN A 65 8.40 5.57 21.42
CA GLN A 65 7.08 5.65 20.83
C GLN A 65 7.09 6.67 19.68
N LEU A 66 6.43 6.32 18.59
CA LEU A 66 6.40 7.22 17.43
C LEU A 66 5.28 8.24 17.56
N ASN A 67 5.57 9.49 17.15
CA ASN A 67 4.58 10.56 17.17
C ASN A 67 4.50 11.15 15.78
N VAL A 68 3.32 11.56 15.38
CA VAL A 68 3.11 12.19 14.08
C VAL A 68 2.35 13.50 14.29
N LEU A 69 2.97 14.62 13.92
CA LEU A 69 2.34 15.96 14.04
C LEU A 69 2.28 16.62 12.69
N ASP A 70 1.36 17.58 12.54
CA ASP A 70 1.48 18.55 11.46
C ASP A 70 2.91 19.08 11.53
N ALA A 71 3.57 19.18 10.40
CA ALA A 71 4.97 19.60 10.35
C ALA A 71 5.20 21.12 10.56
N TYR A 72 4.17 21.90 10.28
CA TYR A 72 4.32 23.36 10.28
C TYR A 72 4.12 23.96 11.67
N CYS A 73 5.19 24.56 12.21
CA CYS A 73 5.20 25.09 13.57
C CYS A 73 4.22 26.25 13.68
N ARG A 74 3.41 26.26 14.72
CA ARG A 74 2.37 27.28 14.89
C ARG A 74 2.87 28.67 15.33
N HIS A 75 4.16 28.79 15.64
CA HIS A 75 4.76 30.07 15.98
C HIS A 75 4.89 30.91 14.71
N MET A 76 5.83 30.53 13.83
CA MET A 76 6.12 31.26 12.62
C MET A 76 6.24 30.35 11.40
N GLY A 77 5.68 29.13 11.50
CA GLY A 77 5.53 28.30 10.30
C GLY A 77 6.68 27.37 9.97
N GLY A 78 7.66 27.30 10.86
CA GLY A 78 8.85 26.50 10.63
C GLY A 78 8.56 25.02 10.42
N ASP A 79 9.40 24.36 9.64
CA ASP A 79 9.27 22.93 9.39
C ASP A 79 9.88 22.10 10.54
N LEU A 80 9.02 21.63 11.43
CA LEU A 80 9.46 20.77 12.54
C LEU A 80 10.27 19.54 12.11
N SER A 81 10.02 19.06 10.89
CA SER A 81 10.71 17.86 10.42
C SER A 81 12.13 18.09 10.05
N ARG A 82 12.55 19.36 10.01
CA ARG A 82 13.94 19.70 9.86
C ARG A 82 14.55 20.14 11.17
N GLY A 83 13.88 19.80 12.26
CA GLY A 83 14.33 20.10 13.59
C GLY A 83 15.15 18.99 14.19
N GLU A 84 15.04 18.85 15.50
CA GLU A 84 15.77 17.87 16.22
C GLU A 84 14.90 17.38 17.38
N VAL A 85 14.98 16.08 17.70
CA VAL A 85 14.28 15.58 18.89
C VAL A 85 15.10 15.93 20.13
N LYS A 86 14.42 16.47 21.13
CA LYS A 86 14.94 16.75 22.44
C LYS A 86 13.95 16.23 23.51
N GLY A 87 14.35 15.15 24.16
CA GLY A 87 13.51 14.54 25.19
C GLY A 87 12.37 13.82 24.46
N ASP A 88 11.16 14.18 24.83
CA ASP A 88 9.97 13.64 24.24
C ASP A 88 9.29 14.67 23.32
N SER A 89 10.04 15.70 22.91
CA SER A 89 9.46 16.75 22.12
C SER A 89 10.29 16.93 20.89
N ILE A 90 9.64 17.39 19.80
CA ILE A 90 10.37 17.80 18.61
C ILE A 90 10.69 19.32 18.73
N ALA A 91 11.93 19.70 18.44
CA ALA A 91 12.41 21.10 18.53
C ALA A 91 12.47 21.72 17.15
N CYS A 92 11.73 22.81 16.97
CA CYS A 92 11.65 23.50 15.71
C CYS A 92 13.02 24.07 15.29
N PRO A 93 13.39 23.96 14.02
CA PRO A 93 14.67 24.54 13.62
C PRO A 93 14.73 26.07 13.59
N PHE A 94 13.60 26.76 13.59
CA PHE A 94 13.59 28.22 13.42
C PHE A 94 13.87 28.90 14.78
N HIS A 95 13.08 28.61 15.81
CA HIS A 95 13.32 29.19 17.16
C HIS A 95 13.23 28.23 18.29
N ASP A 96 13.33 26.92 17.99
CA ASP A 96 13.58 25.87 19.00
C ASP A 96 12.44 25.64 19.98
N TRP A 97 11.22 26.08 19.65
CA TRP A 97 10.08 25.70 20.47
C TRP A 97 9.94 24.18 20.42
N ARG A 98 9.39 23.63 21.49
CA ARG A 98 9.37 22.16 21.69
C ARG A 98 7.92 21.67 21.63
N TRP A 99 7.65 20.66 20.81
CA TRP A 99 6.27 20.14 20.69
C TRP A 99 6.21 18.65 21.00
N ASN A 100 5.28 18.24 21.88
CA ASN A 100 5.21 16.81 22.22
C ASN A 100 4.26 16.02 21.36
N GLY A 101 4.21 14.71 21.62
CA GLY A 101 3.32 13.76 20.92
C GLY A 101 1.86 14.05 20.98
N LYS A 102 1.44 14.84 21.95
CA LYS A 102 0.04 15.26 21.98
C LYS A 102 -0.18 16.53 21.20
N GLY A 103 0.88 17.10 20.62
CA GLY A 103 0.76 18.38 19.93
C GLY A 103 0.90 19.60 20.84
N LYS A 104 1.21 19.40 22.12
CA LYS A 104 1.30 20.48 23.06
C LYS A 104 2.69 21.10 22.99
N CYS A 105 2.76 22.43 22.97
CA CYS A 105 4.09 23.08 23.10
C CYS A 105 4.56 22.96 24.54
N THR A 106 5.64 22.24 24.77
CA THR A 106 6.11 21.98 26.13
C THR A 106 7.12 23.00 26.66
N ASP A 107 7.69 23.83 25.81
CA ASP A 107 8.74 24.74 26.25
C ASP A 107 9.07 25.71 25.13
N ILE A 108 9.10 27.00 25.46
CA ILE A 108 9.75 28.03 24.57
C ILE A 108 11.05 28.35 25.32
N PRO A 109 12.19 27.86 24.83
CA PRO A 109 13.36 27.82 25.72
C PRO A 109 13.90 29.17 26.18
N TYR A 110 13.54 30.24 25.48
CA TYR A 110 13.96 31.59 25.77
C TYR A 110 12.83 32.44 26.36
N ALA A 111 11.75 31.82 26.86
CA ALA A 111 10.64 32.53 27.50
C ALA A 111 10.23 31.81 28.77
N ARG A 112 9.64 32.53 29.71
CA ARG A 112 9.21 31.94 30.99
C ARG A 112 7.97 31.08 30.80
N ARG A 113 6.97 31.60 30.08
CA ARG A 113 5.68 30.92 29.95
C ARG A 113 5.43 30.45 28.53
N VAL A 114 4.45 29.58 28.35
CA VAL A 114 4.02 29.12 27.03
C VAL A 114 2.55 29.47 26.88
N PRO A 115 2.14 30.10 25.78
CA PRO A 115 0.70 30.38 25.68
C PRO A 115 -0.10 29.10 25.76
N PRO A 116 -1.15 29.06 26.60
CA PRO A 116 -1.97 27.83 26.72
C PRO A 116 -2.55 27.34 25.39
N ILE A 117 -2.82 28.28 24.49
CA ILE A 117 -3.38 27.96 23.18
C ILE A 117 -2.38 27.35 22.18
N ALA A 118 -1.12 27.21 22.61
CA ALA A 118 -0.08 26.59 21.80
C ALA A 118 -0.26 25.08 21.71
N LYS A 119 -1.16 24.66 20.84
CA LYS A 119 -1.41 23.25 20.63
C LYS A 119 -1.56 23.02 19.16
N THR A 120 -0.78 22.11 18.62
CA THR A 120 -0.93 21.73 17.19
C THR A 120 -1.61 20.36 17.06
N ARG A 121 -1.73 19.89 15.83
CA ARG A 121 -2.40 18.59 15.54
C ARG A 121 -1.47 17.40 15.65
N ALA A 122 -1.77 16.51 16.58
CA ALA A 122 -1.15 15.20 16.64
C ALA A 122 -2.09 14.25 15.87
N TRP A 123 -1.58 13.53 14.88
CA TRP A 123 -2.34 12.60 14.12
C TRP A 123 -2.51 11.29 14.93
N THR A 124 -3.62 10.59 14.72
CA THR A 124 -3.83 9.26 15.31
C THR A 124 -3.00 8.23 14.58
N THR A 125 -2.20 7.52 15.36
CA THR A 125 -1.30 6.53 14.81
C THR A 125 -1.58 5.11 15.27
N LEU A 126 -0.99 4.16 14.56
CA LEU A 126 -0.97 2.75 14.93
C LEU A 126 0.41 2.21 14.63
N GLU A 127 1.01 1.54 15.61
CA GLU A 127 2.23 0.78 15.38
C GLU A 127 1.88 -0.71 15.38
N ARG A 128 2.09 -1.39 14.26
CA ARG A 128 1.64 -2.78 14.11
C ARG A 128 2.34 -3.37 12.92
N ASN A 129 2.61 -4.68 12.93
CA ASN A 129 3.20 -5.34 11.81
C ASN A 129 4.56 -4.74 11.36
N GLY A 130 5.27 -4.14 12.30
CA GLY A 130 6.53 -3.50 12.02
C GLY A 130 6.39 -2.23 11.19
N GLN A 131 5.18 -1.68 11.18
CA GLN A 131 4.84 -0.52 10.38
C GLN A 131 4.19 0.56 11.18
N LEU A 132 4.27 1.79 10.66
CA LEU A 132 3.57 2.92 11.21
C LEU A 132 2.44 3.30 10.31
N TYR A 133 1.23 3.39 10.87
CA TYR A 133 0.05 3.80 10.12
C TYR A 133 -0.50 5.06 10.76
N VAL A 134 -1.00 5.96 9.94
CA VAL A 134 -1.76 7.09 10.45
C VAL A 134 -3.17 7.11 9.91
N TRP A 135 -4.07 7.74 10.66
CA TRP A 135 -5.48 7.82 10.32
C TRP A 135 -5.73 9.18 9.68
N ASN A 136 -6.23 9.15 8.45
CA ASN A 136 -6.71 10.36 7.80
C ASN A 136 -8.21 10.42 7.73
N ASP A 137 -8.77 11.57 8.13
CA ASP A 137 -10.20 11.80 7.95
C ASP A 137 -10.42 13.30 7.81
N PRO A 138 -10.90 13.76 6.64
CA PRO A 138 -11.22 15.18 6.54
C PRO A 138 -12.32 15.62 7.44
N GLN A 139 -13.20 14.73 7.88
CA GLN A 139 -14.20 15.10 8.84
C GLN A 139 -13.64 15.22 10.23
N GLY A 140 -12.43 14.76 10.46
CA GLY A 140 -11.84 14.98 11.76
C GLY A 140 -12.24 14.05 12.86
N ASN A 141 -13.00 12.98 12.57
CA ASN A 141 -13.34 11.97 13.56
C ASN A 141 -12.23 10.92 13.80
N PRO A 142 -12.22 10.31 14.99
CA PRO A 142 -11.29 9.20 15.24
C PRO A 142 -11.75 7.98 14.48
N PRO A 143 -10.87 7.00 14.29
CA PRO A 143 -11.29 5.80 13.61
C PRO A 143 -12.25 4.97 14.49
N PRO A 144 -13.31 4.46 13.90
CA PRO A 144 -14.11 3.44 14.61
C PRO A 144 -13.26 2.21 14.93
N GLU A 145 -13.54 1.62 16.06
CA GLU A 145 -12.91 0.38 16.53
C GLU A 145 -12.87 -0.69 15.45
N ASP A 146 -13.90 -0.78 14.62
CA ASP A 146 -13.88 -1.84 13.62
C ASP A 146 -13.16 -1.44 12.31
N VAL A 147 -12.67 -0.21 12.20
CA VAL A 147 -11.81 0.13 11.02
C VAL A 147 -10.35 0.11 11.46
N THR A 148 -9.67 -0.98 11.12
CA THR A 148 -8.35 -1.18 11.63
C THR A 148 -7.51 -1.95 10.65
N ILE A 149 -6.29 -2.18 11.04
CA ILE A 149 -5.38 -3.01 10.28
C ILE A 149 -5.16 -4.34 11.01
N PRO A 150 -5.36 -5.48 10.34
CA PRO A 150 -5.17 -6.77 10.93
C PRO A 150 -3.73 -6.94 11.43
N GLU A 151 -3.58 -7.61 12.55
CA GLU A 151 -2.26 -8.08 13.01
C GLU A 151 -1.89 -9.26 12.18
N ILE A 152 -0.73 -9.23 11.55
CA ILE A 152 -0.26 -10.35 10.78
C ILE A 152 0.36 -11.33 11.78
N ALA A 153 -0.22 -12.53 11.87
CA ALA A 153 0.11 -13.48 12.97
C ALA A 153 1.63 -13.77 13.12
N GLY A 154 2.22 -14.17 12.01
CA GLY A 154 3.64 -14.52 11.96
C GLY A 154 4.66 -13.40 12.19
N TYR A 155 4.28 -12.13 11.99
CA TYR A 155 5.26 -11.06 12.03
C TYR A 155 5.86 -10.93 13.43
N GLY A 156 7.17 -10.93 13.49
CA GLY A 156 7.86 -10.77 14.79
C GLY A 156 8.09 -12.10 15.51
N THR A 157 7.64 -13.21 14.94
CA THR A 157 7.99 -14.52 15.47
C THR A 157 9.32 -14.98 14.85
N ASP A 158 9.96 -15.89 15.54
CA ASP A 158 11.16 -16.53 15.04
C ASP A 158 10.95 -17.19 13.69
N GLU A 159 9.74 -17.67 13.40
CA GLU A 159 9.54 -18.50 12.20
C GLU A 159 9.41 -17.66 10.93
N TRP A 160 9.32 -16.33 11.04
CA TRP A 160 9.21 -15.46 9.84
C TRP A 160 10.33 -14.42 9.78
N THR A 161 10.69 -14.03 8.58
CA THR A 161 11.71 -13.01 8.39
C THR A 161 11.18 -11.63 8.76
N ASP A 162 12.07 -10.64 8.84
CA ASP A 162 11.62 -9.27 8.82
C ASP A 162 11.28 -8.87 7.34
N TRP A 163 10.77 -7.65 7.18
CA TRP A 163 10.38 -7.14 5.86
C TRP A 163 11.60 -6.91 4.92
N SER A 164 11.51 -7.41 3.70
CA SER A 164 12.20 -6.79 2.56
C SER A 164 11.25 -5.78 1.96
N TRP A 165 11.62 -4.51 2.01
CA TRP A 165 10.73 -3.40 1.80
C TRP A 165 11.25 -2.52 0.71
N LYS A 166 10.37 -2.03 -0.15
CA LYS A 166 10.72 -1.17 -1.27
C LYS A 166 9.68 -0.07 -1.41
N SER A 167 10.07 1.01 -2.05
CA SER A 167 9.15 2.09 -2.31
C SER A 167 9.43 2.78 -3.66
N LEU A 168 8.41 3.45 -4.19
CA LEU A 168 8.40 4.07 -5.53
C LEU A 168 7.55 5.33 -5.41
N ARG A 169 7.97 6.39 -6.08
CA ARG A 169 7.21 7.63 -6.06
C ARG A 169 6.63 7.77 -7.43
N ILE A 170 5.30 7.90 -7.50
CA ILE A 170 4.57 7.97 -8.73
C ILE A 170 4.11 9.42 -8.88
N LYS A 171 4.55 10.10 -9.93
CA LYS A 171 4.13 11.46 -10.24
C LYS A 171 3.18 11.43 -11.42
N GLY A 172 2.11 12.23 -11.36
CA GLY A 172 1.22 12.40 -12.49
C GLY A 172 0.07 11.43 -12.58
N SER A 173 -0.25 10.78 -11.47
CA SER A 173 -1.39 9.88 -11.41
C SER A 173 -2.03 10.03 -10.05
N HIS A 174 -3.35 9.86 -10.05
CA HIS A 174 -4.11 9.69 -8.84
C HIS A 174 -4.00 8.24 -8.36
N CYS A 175 -4.01 8.03 -7.03
CA CYS A 175 -3.84 6.69 -6.49
C CYS A 175 -4.94 5.65 -6.84
N ARG A 176 -6.09 6.07 -7.38
CA ARG A 176 -7.11 5.11 -7.89
C ARG A 176 -6.47 4.19 -8.92
N GLU A 177 -5.43 4.69 -9.61
CA GLU A 177 -4.75 3.88 -10.63
C GLU A 177 -4.19 2.54 -10.04
N ILE A 178 -3.64 2.61 -8.83
CA ILE A 178 -3.09 1.38 -8.18
C ILE A 178 -4.26 0.51 -7.70
N VAL A 179 -5.28 1.15 -7.18
CA VAL A 179 -6.43 0.41 -6.63
C VAL A 179 -7.15 -0.37 -7.68
N ASP A 180 -7.30 0.21 -8.87
CA ASP A 180 -7.89 -0.50 -9.99
C ASP A 180 -7.29 -1.92 -10.25
N ASN A 181 -6.01 -2.09 -9.93
CA ASN A 181 -5.36 -3.39 -10.19
C ASN A 181 -5.95 -4.57 -9.48
N VAL A 182 -6.70 -4.33 -8.40
CA VAL A 182 -7.26 -5.44 -7.64
C VAL A 182 -8.23 -6.29 -8.48
N VAL A 183 -8.77 -5.71 -9.57
CA VAL A 183 -9.68 -6.44 -10.49
C VAL A 183 -9.09 -6.81 -11.86
N ASP A 184 -7.84 -6.46 -12.08
CA ASP A 184 -7.28 -6.49 -13.43
C ASP A 184 -6.52 -7.78 -13.63
N MET A 185 -7.25 -8.82 -13.87
CA MET A 185 -6.66 -10.11 -14.10
C MET A 185 -5.66 -10.12 -15.25
N ALA A 186 -6.07 -9.63 -16.41
CA ALA A 186 -5.21 -9.68 -17.62
C ALA A 186 -3.87 -9.03 -17.42
N HIS A 187 -3.81 -7.95 -16.67
CA HIS A 187 -2.51 -7.31 -16.58
C HIS A 187 -1.47 -8.09 -15.77
N PHE A 188 -1.89 -9.04 -14.95
CA PHE A 188 -0.91 -9.89 -14.26
C PHE A 188 -0.17 -10.76 -15.25
N PHE A 189 -0.80 -11.09 -16.36
CA PHE A 189 -0.08 -11.74 -17.41
C PHE A 189 0.84 -10.76 -18.15
N TYR A 190 0.31 -9.66 -18.70
CA TYR A 190 1.14 -8.79 -19.59
C TYR A 190 2.18 -7.95 -18.86
N ILE A 191 1.86 -7.53 -17.64
CA ILE A 191 2.68 -6.58 -16.89
C ILE A 191 3.49 -7.26 -15.78
N HIS A 192 2.90 -8.24 -15.10
CA HIS A 192 3.57 -8.96 -14.03
C HIS A 192 4.16 -10.28 -14.45
N TYR A 193 3.92 -10.69 -15.68
CA TYR A 193 4.49 -11.91 -16.22
C TYR A 193 4.19 -13.13 -15.34
N SER A 194 3.03 -13.13 -14.68
CA SER A 194 2.46 -14.36 -14.12
C SER A 194 1.37 -14.85 -15.04
N PHE A 195 0.71 -15.94 -14.68
CA PHE A 195 -0.22 -16.62 -15.58
C PHE A 195 -1.47 -16.98 -14.76
N PRO A 196 -2.48 -16.11 -14.77
CA PRO A 196 -3.65 -16.36 -13.93
C PRO A 196 -4.49 -17.53 -14.42
N ARG A 197 -4.94 -18.39 -13.49
CA ARG A 197 -5.78 -19.57 -13.76
C ARG A 197 -7.15 -19.52 -13.09
N TYR A 198 -7.24 -18.76 -12.00
CA TYR A 198 -8.48 -18.58 -11.26
C TYR A 198 -8.47 -17.12 -10.79
N PHE A 199 -9.60 -16.43 -10.84
CA PHE A 199 -9.62 -15.02 -10.45
C PHE A 199 -10.99 -14.65 -9.94
N LYS A 200 -11.07 -14.19 -8.68
CA LYS A 200 -12.31 -13.84 -8.08
C LYS A 200 -12.18 -12.61 -7.19
N ASN A 201 -13.17 -11.73 -7.28
CA ASN A 201 -13.25 -10.55 -6.39
C ASN A 201 -14.41 -10.61 -5.44
N VAL A 202 -14.21 -10.08 -4.25
CA VAL A 202 -15.30 -9.84 -3.29
C VAL A 202 -15.06 -8.51 -2.60
N PHE A 203 -16.06 -7.63 -2.71
CA PHE A 203 -16.05 -6.34 -2.02
C PHE A 203 -17.16 -6.35 -0.96
N GLU A 204 -16.86 -5.80 0.20
CA GLU A 204 -17.87 -5.73 1.26
C GLU A 204 -17.39 -4.81 2.35
N GLY A 205 -18.27 -4.00 2.94
CA GLY A 205 -17.85 -3.11 4.00
C GLY A 205 -16.73 -2.22 3.48
N HIS A 206 -15.69 -2.06 4.28
CA HIS A 206 -14.51 -1.26 3.89
C HIS A 206 -13.34 -2.10 3.36
N THR A 207 -13.62 -3.31 2.83
CA THR A 207 -12.61 -4.18 2.24
C THR A 207 -12.90 -4.65 0.81
N ALA A 208 -11.82 -4.91 0.07
CA ALA A 208 -11.87 -5.33 -1.31
C ALA A 208 -10.81 -6.42 -1.47
N THR A 209 -11.23 -7.55 -2.01
CA THR A 209 -10.43 -8.72 -2.03
C THR A 209 -10.33 -9.27 -3.44
N GLN A 210 -9.13 -9.75 -3.73
CA GLN A 210 -8.86 -10.51 -4.91
C GLN A 210 -8.34 -11.89 -4.50
N TYR A 211 -8.98 -12.94 -5.00
CA TYR A 211 -8.44 -14.28 -4.88
C TYR A 211 -7.92 -14.69 -6.23
N MET A 212 -6.67 -15.13 -6.30
CA MET A 212 -6.11 -15.59 -7.57
C MET A 212 -5.28 -16.84 -7.39
N HIS A 213 -5.33 -17.74 -8.38
CA HIS A 213 -4.31 -18.77 -8.50
C HIS A 213 -3.57 -18.52 -9.79
N SER A 214 -2.24 -18.48 -9.74
CA SER A 214 -1.45 -18.26 -10.95
C SER A 214 -0.23 -19.19 -11.00
N THR A 215 0.35 -19.33 -12.18
CA THR A 215 1.61 -20.02 -12.34
C THR A 215 2.58 -19.04 -12.93
N GLY A 216 3.87 -19.32 -12.80
CA GLY A 216 4.87 -18.61 -13.56
C GLY A 216 4.65 -18.86 -15.05
N ARG A 217 5.19 -17.99 -15.88
CA ARG A 217 5.26 -18.22 -17.34
C ARG A 217 6.64 -18.82 -17.68
N GLU A 218 6.64 -19.83 -18.52
CA GLU A 218 7.91 -20.41 -18.96
C GLU A 218 8.81 -19.35 -19.62
N ASP A 219 8.23 -18.57 -20.54
CA ASP A 219 9.01 -17.64 -21.34
C ASP A 219 9.58 -16.47 -20.58
N VAL A 220 9.19 -16.27 -19.33
CA VAL A 220 9.69 -15.12 -18.56
C VAL A 220 9.99 -15.54 -17.15
N ILE A 221 11.16 -15.11 -16.68
CA ILE A 221 11.69 -15.52 -15.39
C ILE A 221 11.50 -14.39 -14.37
N SER A 222 10.99 -14.75 -13.19
CA SER A 222 10.63 -13.79 -12.14
C SER A 222 10.90 -14.39 -10.76
N GLY A 223 11.41 -13.55 -9.87
CA GLY A 223 11.71 -13.97 -8.52
C GLY A 223 10.50 -14.40 -7.73
N THR A 224 9.32 -13.95 -8.14
CA THR A 224 8.09 -14.33 -7.48
C THR A 224 7.84 -15.85 -7.59
N ASN A 225 8.49 -16.52 -8.56
CA ASN A 225 8.38 -17.99 -8.70
C ASN A 225 9.38 -18.82 -7.86
N TYR A 226 10.17 -18.15 -7.03
CA TYR A 226 11.10 -18.84 -6.13
C TYR A 226 11.91 -19.95 -6.85
N ASP A 227 12.42 -19.67 -8.05
CA ASP A 227 13.37 -20.56 -8.74
C ASP A 227 12.72 -21.85 -9.22
N ASP A 228 11.40 -21.80 -9.46
CA ASP A 228 10.67 -22.85 -10.16
C ASP A 228 9.83 -22.16 -11.23
N PRO A 229 10.25 -22.22 -12.50
CA PRO A 229 9.50 -21.52 -13.57
C PRO A 229 8.01 -21.86 -13.67
N ASN A 230 7.58 -22.99 -13.09
CA ASN A 230 6.17 -23.40 -13.09
C ASN A 230 5.50 -23.40 -11.73
N ALA A 231 6.01 -22.56 -10.82
CA ALA A 231 5.42 -22.48 -9.48
C ALA A 231 3.92 -22.14 -9.57
N GLU A 232 3.02 -22.93 -8.94
CA GLU A 232 1.64 -22.47 -8.64
C GLU A 232 1.65 -21.62 -7.37
N LEU A 233 0.87 -20.55 -7.41
CA LEU A 233 0.78 -19.56 -6.37
C LEU A 233 -0.73 -19.32 -6.10
N ARG A 234 -1.09 -19.34 -4.82
CA ARG A 234 -2.44 -19.10 -4.36
CA ARG A 234 -2.44 -19.09 -4.39
C ARG A 234 -2.39 -17.80 -3.60
N SER A 235 -3.25 -16.86 -3.95
CA SER A 235 -3.18 -15.51 -3.39
C SER A 235 -4.53 -15.06 -2.83
N GLU A 236 -4.50 -14.54 -1.62
CA GLU A 236 -5.64 -13.82 -1.05
C GLU A 236 -5.23 -12.42 -0.67
N ALA A 237 -5.73 -11.46 -1.45
CA ALA A 237 -5.23 -10.09 -1.38
C ALA A 237 -6.38 -9.16 -1.07
N THR A 238 -6.27 -8.44 0.04
CA THR A 238 -7.29 -7.62 0.54
C THR A 238 -6.86 -6.22 0.96
N TYR A 239 -7.54 -5.21 0.39
CA TYR A 239 -7.47 -3.83 0.88
C TYR A 239 -8.29 -3.67 2.14
N PHE A 240 -7.68 -3.18 3.20
CA PHE A 240 -8.34 -2.91 4.48
C PHE A 240 -8.45 -1.42 4.58
N GLY A 241 -9.53 -0.94 3.99
CA GLY A 241 -9.73 0.47 3.75
C GLY A 241 -9.16 0.80 2.38
N PRO A 242 -8.90 2.11 2.16
CA PRO A 242 -8.65 2.66 0.84
C PRO A 242 -7.26 2.47 0.31
N SER A 243 -6.29 2.23 1.20
CA SER A 243 -4.88 2.39 0.83
C SER A 243 -3.94 1.23 1.10
N TYR A 244 -4.35 0.28 1.94
CA TYR A 244 -3.43 -0.73 2.48
C TYR A 244 -3.90 -2.16 2.22
N MET A 245 -3.15 -2.91 1.42
CA MET A 245 -3.47 -4.27 1.11
C MET A 245 -2.47 -5.24 1.73
N ILE A 246 -3.00 -6.33 2.29
CA ILE A 246 -2.15 -7.43 2.73
C ILE A 246 -2.46 -8.56 1.77
N ASP A 247 -1.41 -9.26 1.30
CA ASP A 247 -1.58 -10.33 0.36
C ASP A 247 -0.91 -11.59 0.96
N TRP A 248 -1.73 -12.58 1.26
CA TRP A 248 -1.27 -13.88 1.80
C TRP A 248 -1.08 -14.82 0.65
N LEU A 249 0.14 -15.38 0.53
CA LEU A 249 0.49 -16.16 -0.62
C LEU A 249 1.06 -17.51 -0.18
N GLU A 250 0.75 -18.51 -0.97
CA GLU A 250 1.35 -19.81 -0.75
C GLU A 250 1.79 -20.34 -2.11
N SER A 251 3.06 -20.74 -2.18
CA SER A 251 3.72 -21.17 -3.43
C SER A 251 4.09 -22.62 -3.31
N ASP A 252 3.89 -23.34 -4.40
CA ASP A 252 4.39 -24.71 -4.49
C ASP A 252 5.43 -24.67 -5.59
N ALA A 253 6.68 -24.58 -5.13
CA ALA A 253 7.87 -24.38 -5.95
C ALA A 253 8.89 -25.47 -5.61
N ASN A 254 9.27 -26.25 -6.61
CA ASN A 254 10.25 -27.35 -6.45
C ASN A 254 9.88 -28.28 -5.29
N GLY A 255 8.63 -28.75 -5.31
CA GLY A 255 8.08 -29.65 -4.29
C GLY A 255 7.87 -29.15 -2.87
N GLN A 256 8.20 -27.87 -2.61
CA GLN A 256 8.03 -27.27 -1.29
C GLN A 256 6.77 -26.45 -1.27
N THR A 257 6.22 -26.22 -0.08
CA THR A 257 5.21 -25.16 0.12
C THR A 257 5.73 -23.90 0.89
N ILE A 258 5.83 -22.79 0.16
CA ILE A 258 6.37 -21.54 0.72
C ILE A 258 5.25 -20.54 1.07
N GLU A 259 5.31 -19.99 2.27
CA GLU A 259 4.38 -19.01 2.72
C GLU A 259 5.06 -17.64 2.69
N THR A 260 4.41 -16.71 1.98
CA THR A 260 4.86 -15.33 1.85
C THR A 260 3.70 -14.39 2.23
N ILE A 261 4.00 -13.30 2.89
CA ILE A 261 3.01 -12.25 3.07
C ILE A 261 3.58 -10.95 2.47
N LEU A 262 2.83 -10.40 1.52
CA LEU A 262 3.22 -9.25 0.75
C LEU A 262 2.33 -8.08 1.12
N ILE A 263 2.95 -6.95 1.47
CA ILE A 263 2.23 -5.67 1.54
C ILE A 263 2.20 -4.94 0.20
N ASN A 264 1.06 -4.37 -0.11
CA ASN A 264 0.91 -3.42 -1.22
C ASN A 264 0.10 -2.25 -0.69
N CYS A 265 0.73 -1.08 -0.62
CA CYS A 265 0.10 0.06 -0.02
C CYS A 265 0.62 1.37 -0.58
N HIS A 266 -0.07 2.44 -0.25
CA HIS A 266 0.35 3.74 -0.67
C HIS A 266 -0.17 4.82 0.21
N TYR A 267 0.41 6.00 0.01
CA TYR A 267 -0.23 7.22 0.46
C TYR A 267 -0.15 8.32 -0.57
N PRO A 268 -1.21 9.14 -0.60
CA PRO A 268 -1.25 10.23 -1.52
C PRO A 268 -0.37 11.41 -1.02
N VAL A 269 0.47 11.91 -1.89
CA VAL A 269 1.22 13.12 -1.60
C VAL A 269 0.29 14.31 -1.92
N SER A 270 -0.29 14.29 -3.11
CA SER A 270 -1.29 15.25 -3.55
C SER A 270 -2.26 14.38 -4.35
N ASN A 271 -3.24 14.99 -5.03
CA ASN A 271 -4.19 14.17 -5.81
C ASN A 271 -3.62 13.80 -7.19
N ASN A 272 -2.35 14.12 -7.39
CA ASN A 272 -1.64 13.75 -8.59
C ASN A 272 -0.27 13.13 -8.40
N GLU A 273 -0.01 12.65 -7.18
CA GLU A 273 1.27 12.10 -6.84
C GLU A 273 1.08 11.18 -5.65
N PHE A 274 1.66 9.98 -5.68
CA PHE A 274 1.57 9.13 -4.50
C PHE A 274 2.84 8.28 -4.28
N VAL A 275 2.99 7.80 -3.06
CA VAL A 275 4.06 6.92 -2.73
C VAL A 275 3.50 5.50 -2.57
N LEU A 276 4.12 4.56 -3.29
CA LEU A 276 3.80 3.16 -3.31
C LEU A 276 4.90 2.43 -2.56
N GLN A 277 4.51 1.69 -1.53
CA GLN A 277 5.43 0.90 -0.70
C GLN A 277 4.96 -0.54 -0.73
N TYR A 278 5.91 -1.45 -0.84
CA TYR A 278 5.58 -2.83 -0.92
C TYR A 278 6.72 -3.62 -0.33
N GLY A 279 6.40 -4.78 0.22
CA GLY A 279 7.42 -5.53 0.94
C GLY A 279 6.96 -6.89 1.40
N ALA A 280 7.91 -7.78 1.63
CA ALA A 280 7.54 -9.20 1.85
C ALA A 280 8.17 -9.77 3.10
N ILE A 281 7.42 -10.64 3.79
CA ILE A 281 8.00 -11.55 4.79
C ILE A 281 7.78 -12.95 4.31
N VAL A 282 8.70 -13.82 4.67
CA VAL A 282 8.63 -15.22 4.27
C VAL A 282 8.75 -16.06 5.53
N LYS A 283 7.99 -17.14 5.55
CA LYS A 283 8.04 -18.05 6.68
C LYS A 283 9.27 -18.93 6.45
N LYS A 284 10.07 -19.10 7.48
CA LYS A 284 11.28 -19.92 7.34
C LYS A 284 10.87 -21.40 7.11
N LEU A 285 11.30 -21.97 5.99
CA LEU A 285 11.14 -23.38 5.74
C LEU A 285 11.87 -24.22 6.80
N PRO A 286 11.37 -25.44 7.06
CA PRO A 286 12.05 -26.30 8.07
C PRO A 286 13.51 -26.43 7.74
N GLY A 287 14.36 -26.20 8.74
CA GLY A 287 15.77 -26.38 8.51
C GLY A 287 16.49 -25.27 7.71
N VAL A 288 15.83 -24.17 7.31
CA VAL A 288 16.65 -23.11 6.67
C VAL A 288 16.98 -22.00 7.65
N SER A 289 18.18 -21.43 7.51
CA SER A 289 18.65 -20.31 8.32
C SER A 289 17.86 -19.02 8.11
N ASP A 290 18.03 -18.09 9.03
CA ASP A 290 17.50 -16.76 8.92
C ASP A 290 17.97 -16.09 7.64
N GLU A 291 19.24 -16.28 7.32
CA GLU A 291 19.84 -15.71 6.15
C GLU A 291 19.20 -16.24 4.90
N ILE A 292 18.98 -17.54 4.82
CA ILE A 292 18.40 -18.08 3.59
C ILE A 292 16.96 -17.57 3.42
N ALA A 293 16.22 -17.52 4.51
CA ALA A 293 14.87 -17.03 4.43
C ALA A 293 14.85 -15.54 4.03
N ALA A 294 15.72 -14.74 4.63
CA ALA A 294 15.78 -13.31 4.24
C ALA A 294 16.06 -13.16 2.73
N GLY A 295 16.92 -14.01 2.15
CA GLY A 295 17.15 -14.02 0.73
C GLY A 295 15.97 -14.45 -0.13
N MET A 296 15.10 -15.28 0.41
CA MET A 296 13.87 -15.59 -0.31
C MET A 296 12.90 -14.41 -0.31
N ALA A 297 12.74 -13.75 0.83
CA ALA A 297 11.98 -12.49 0.91
C ALA A 297 12.47 -11.39 -0.05
N GLU A 298 13.79 -11.30 -0.18
CA GLU A 298 14.39 -10.27 -0.99
C GLU A 298 14.12 -10.61 -2.44
N GLN A 299 14.32 -11.85 -2.80
CA GLN A 299 14.02 -12.26 -4.14
C GLN A 299 12.55 -12.03 -4.52
N PHE A 300 11.65 -12.34 -3.58
CA PHE A 300 10.23 -12.20 -3.87
C PHE A 300 9.93 -10.70 -4.09
N ALA A 301 10.40 -9.86 -3.19
CA ALA A 301 10.26 -8.43 -3.33
C ALA A 301 10.82 -7.86 -4.65
N GLU A 302 11.94 -8.41 -5.12
CA GLU A 302 12.51 -7.99 -6.40
C GLU A 302 11.69 -8.44 -7.57
N GLY A 303 11.07 -9.60 -7.46
CA GLY A 303 10.12 -10.02 -8.51
C GLY A 303 8.89 -9.10 -8.59
N VAL A 304 8.40 -8.69 -7.42
CA VAL A 304 7.28 -7.76 -7.36
C VAL A 304 7.67 -6.39 -7.94
N GLN A 305 8.83 -5.89 -7.54
CA GLN A 305 9.41 -4.68 -8.11
C GLN A 305 9.36 -4.59 -9.64
N LEU A 306 9.82 -5.63 -10.29
CA LEU A 306 9.75 -5.73 -11.74
C LEU A 306 8.37 -5.39 -12.28
N GLY A 307 7.35 -6.04 -11.72
CA GLY A 307 5.96 -5.83 -12.14
C GLY A 307 5.58 -4.39 -11.80
N PHE A 308 5.76 -3.97 -10.56
CA PHE A 308 5.42 -2.56 -10.25
C PHE A 308 6.13 -1.54 -11.11
N GLU A 309 7.37 -1.76 -11.49
CA GLU A 309 8.09 -0.77 -12.35
C GLU A 309 7.48 -0.71 -13.73
N GLN A 310 6.90 -1.80 -14.18
CA GLN A 310 6.17 -1.82 -15.41
C GLN A 310 4.87 -1.04 -15.27
N ASP A 311 4.17 -1.26 -14.17
CA ASP A 311 2.98 -0.46 -13.93
C ASP A 311 3.29 1.03 -13.97
N VAL A 312 4.41 1.41 -13.37
CA VAL A 312 4.80 2.81 -13.33
C VAL A 312 4.88 3.38 -14.76
N GLU A 313 5.42 2.60 -15.67
CA GLU A 313 5.49 2.99 -17.10
C GLU A 313 4.12 3.08 -17.75
N ILE A 314 3.23 2.15 -17.37
CA ILE A 314 1.84 2.21 -17.83
C ILE A 314 1.17 3.49 -17.35
N TRP A 315 1.29 3.75 -16.05
CA TRP A 315 0.65 4.92 -15.45
C TRP A 315 1.24 6.25 -15.93
N LYS A 316 2.52 6.25 -16.23
CA LYS A 316 3.20 7.45 -16.60
C LYS A 316 2.61 7.97 -17.90
N ASN A 317 2.22 7.08 -18.81
CA ASN A 317 1.88 7.42 -20.17
C ASN A 317 0.38 7.38 -20.50
N LYS A 318 -0.41 6.79 -19.60
CA LYS A 318 -1.79 6.50 -19.89
C LYS A 318 -2.64 7.74 -19.67
N ALA A 319 -3.88 7.67 -20.11
CA ALA A 319 -4.90 8.65 -19.74
C ALA A 319 -5.73 8.13 -18.55
N PRO A 320 -6.14 9.03 -17.67
CA PRO A 320 -7.22 8.66 -16.79
C PRO A 320 -8.52 8.43 -17.55
N ILE A 321 -9.36 7.53 -17.08
CA ILE A 321 -10.56 7.17 -17.81
C ILE A 321 -11.67 6.74 -16.84
N ASP A 322 -12.79 7.46 -16.88
CA ASP A 322 -13.93 7.18 -16.01
C ASP A 322 -14.94 6.25 -16.63
N ASN A 323 -14.81 6.06 -17.93
CA ASN A 323 -15.74 5.21 -18.69
C ASN A 323 -14.99 4.12 -19.43
N PRO A 324 -14.22 3.31 -18.71
CA PRO A 324 -13.51 2.23 -19.41
C PRO A 324 -14.46 1.30 -20.11
N LEU A 325 -14.03 0.79 -21.27
CA LEU A 325 -14.83 -0.12 -22.04
C LEU A 325 -14.40 -1.56 -21.72
N LEU A 326 -15.28 -2.33 -21.07
CA LEU A 326 -14.86 -3.64 -20.54
C LEU A 326 -15.25 -4.80 -21.44
N SER A 327 -14.38 -5.80 -21.51
CA SER A 327 -14.67 -7.04 -22.20
C SER A 327 -15.34 -8.03 -21.30
N GLU A 328 -15.60 -9.21 -21.85
CA GLU A 328 -16.24 -10.31 -21.10
C GLU A 328 -15.27 -10.85 -20.05
N GLU A 329 -13.96 -10.78 -20.33
CA GLU A 329 -12.94 -11.26 -19.42
C GLU A 329 -12.36 -10.19 -18.50
N ASP A 330 -13.05 -9.07 -18.37
CA ASP A 330 -12.57 -8.03 -17.48
C ASP A 330 -13.15 -8.26 -16.08
N GLY A 331 -12.42 -7.81 -15.07
CA GLY A 331 -12.95 -7.73 -13.69
C GLY A 331 -13.93 -6.58 -13.51
N PRO A 332 -14.60 -6.54 -12.34
CA PRO A 332 -15.67 -5.59 -12.07
C PRO A 332 -15.12 -4.19 -11.65
N VAL A 333 -14.55 -3.48 -12.62
CA VAL A 333 -13.98 -2.15 -12.37
C VAL A 333 -15.02 -1.18 -11.78
N TYR A 334 -16.24 -1.18 -12.32
CA TYR A 334 -17.17 -0.16 -11.89
C TYR A 334 -17.59 -0.41 -10.45
N GLN A 335 -17.79 -1.68 -10.09
CA GLN A 335 -18.15 -2.01 -8.70
C GLN A 335 -17.03 -1.74 -7.74
N LEU A 336 -15.79 -1.96 -8.18
CA LEU A 336 -14.62 -1.62 -7.38
C LEU A 336 -14.59 -0.10 -7.10
N ARG A 337 -14.80 0.66 -8.18
CA ARG A 337 -14.78 2.10 -8.03
C ARG A 337 -15.89 2.63 -7.17
N ARG A 338 -17.09 2.03 -7.24
CA ARG A 338 -18.19 2.44 -6.40
C ARG A 338 -17.86 2.12 -4.95
N TRP A 339 -17.25 0.96 -4.71
CA TRP A 339 -16.79 0.62 -3.35
C TRP A 339 -15.76 1.66 -2.84
N TYR A 340 -14.84 2.01 -3.72
CA TYR A 340 -13.73 2.90 -3.39
C TYR A 340 -14.24 4.29 -3.07
N GLN A 341 -15.37 4.65 -3.67
CA GLN A 341 -15.94 6.01 -3.50
C GLN A 341 -16.38 6.29 -2.06
N GLN A 342 -16.65 5.22 -1.29
CA GLN A 342 -17.05 5.35 0.09
C GLN A 342 -16.07 6.20 0.87
N PHE A 343 -14.78 6.08 0.52
CA PHE A 343 -13.76 6.76 1.31
C PHE A 343 -13.60 8.27 0.94
N TYR A 344 -14.28 8.68 -0.11
CA TYR A 344 -14.24 10.07 -0.54
C TYR A 344 -15.56 10.80 -0.30
N VAL A 345 -16.48 10.23 0.46
CA VAL A 345 -17.69 10.94 0.86
C VAL A 345 -17.71 10.88 2.37
N ASP A 346 -18.44 11.81 2.98
CA ASP A 346 -18.66 11.77 4.40
C ASP A 346 -19.31 10.45 4.82
N VAL A 347 -19.02 9.98 6.05
CA VAL A 347 -19.54 8.65 6.43
C VAL A 347 -21.03 8.58 6.37
N GLU A 348 -21.68 9.71 6.64
CA GLU A 348 -23.13 9.86 6.57
C GLU A 348 -23.70 9.69 5.19
N ASP A 349 -22.90 9.95 4.17
CA ASP A 349 -23.35 9.92 2.80
C ASP A 349 -23.08 8.61 2.12
N ILE A 350 -22.46 7.68 2.85
CA ILE A 350 -22.25 6.33 2.28
C ILE A 350 -23.64 5.67 1.99
N THR A 351 -23.75 5.08 0.81
CA THR A 351 -24.89 4.30 0.37
C THR A 351 -24.61 2.79 0.33
N GLU A 352 -25.66 1.99 0.58
CA GLU A 352 -25.60 0.53 0.56
C GLU A 352 -24.90 -0.01 -0.68
N ASP A 353 -25.07 0.59 -1.85
CA ASP A 353 -24.43 0.01 -3.02
C ASP A 353 -22.92 0.15 -3.02
N MET A 354 -22.36 1.05 -2.23
CA MET A 354 -20.89 1.10 -2.09
C MET A 354 -20.38 -0.08 -1.25
N THR A 355 -21.12 -0.41 -0.19
CA THR A 355 -20.64 -1.32 0.83
C THR A 355 -21.24 -2.72 0.83
N LYS A 356 -22.25 -2.96 0.00
CA LYS A 356 -22.94 -4.25 0.00
C LYS A 356 -21.99 -5.29 -0.51
N ARG A 357 -22.14 -6.53 -0.06
CA ARG A 357 -21.31 -7.60 -0.60
C ARG A 357 -21.51 -7.75 -2.08
N PHE A 358 -20.42 -7.75 -2.83
CA PHE A 358 -20.47 -7.96 -4.26
C PHE A 358 -19.35 -8.92 -4.63
N GLU A 359 -19.64 -9.96 -5.41
CA GLU A 359 -18.66 -10.96 -5.73
C GLU A 359 -18.73 -11.13 -7.20
N PHE A 360 -17.60 -11.38 -7.84
CA PHE A 360 -17.56 -11.69 -9.28
C PHE A 360 -16.38 -12.58 -9.60
N GLU A 361 -16.61 -13.64 -10.35
CA GLU A 361 -15.53 -14.50 -10.74
C GLU A 361 -15.39 -14.44 -12.24
N ILE A 362 -14.16 -14.23 -12.73
CA ILE A 362 -13.90 -14.30 -14.16
C ILE A 362 -13.70 -15.77 -14.55
N ASP A 363 -14.42 -16.16 -15.60
CA ASP A 363 -14.13 -17.41 -16.31
C ASP A 363 -12.91 -17.22 -17.18
N THR A 364 -11.80 -17.82 -16.79
CA THR A 364 -10.49 -17.59 -17.39
C THR A 364 -10.16 -18.55 -18.55
N THR A 365 -11.10 -19.40 -18.94
CA THR A 365 -10.75 -20.52 -19.81
C THR A 365 -10.32 -20.00 -21.20
N ARG A 366 -11.08 -19.04 -21.72
CA ARG A 366 -10.66 -18.31 -22.92
C ARG A 366 -9.23 -17.80 -22.83
N ALA A 367 -8.98 -17.02 -21.79
CA ALA A 367 -7.73 -16.31 -21.64
C ALA A 367 -6.55 -17.26 -21.50
N VAL A 368 -6.77 -18.36 -20.79
CA VAL A 368 -5.70 -19.32 -20.56
C VAL A 368 -5.27 -20.00 -21.87
N ALA A 369 -6.26 -20.36 -22.68
CA ALA A 369 -5.98 -20.93 -24.00
C ALA A 369 -5.05 -20.01 -24.78
N SER A 370 -5.45 -18.76 -24.86
CA SER A 370 -4.71 -17.78 -25.61
C SER A 370 -3.32 -17.53 -25.06
N TRP A 371 -3.21 -17.43 -23.74
CA TRP A 371 -1.92 -17.12 -23.15
C TRP A 371 -0.95 -18.30 -23.30
N GLN A 372 -1.48 -19.52 -23.34
CA GLN A 372 -0.63 -20.70 -23.56
C GLN A 372 0.00 -20.70 -24.94
N LYS A 373 -0.85 -20.54 -25.96
CA LYS A 373 -0.37 -20.33 -27.33
C LYS A 373 0.70 -19.26 -27.35
N GLU A 374 0.40 -18.12 -26.78
CA GLU A 374 1.40 -17.07 -26.76
C GLU A 374 2.68 -17.53 -26.11
N VAL A 375 2.64 -18.11 -24.90
CA VAL A 375 3.89 -18.49 -24.20
C VAL A 375 4.67 -19.52 -25.00
N ALA A 376 3.95 -20.47 -25.61
CA ALA A 376 4.52 -21.55 -26.46
C ALA A 376 5.27 -21.04 -27.68
N GLU A 377 4.60 -20.23 -28.47
CA GLU A 377 5.24 -19.65 -29.63
C GLU A 377 6.30 -18.60 -29.26
N ASN A 378 6.31 -18.12 -28.03
CA ASN A 378 7.49 -17.37 -27.53
C ASN A 378 8.61 -18.31 -27.08
N LEU A 379 8.29 -19.59 -26.92
CA LEU A 379 9.32 -20.58 -26.60
C LEU A 379 9.94 -21.02 -27.92
N ALA A 380 9.14 -21.57 -28.84
CA ALA A 380 9.58 -21.84 -30.22
C ALA A 380 10.56 -20.76 -30.75
N LYS A 381 10.34 -19.53 -30.31
CA LYS A 381 11.23 -18.37 -30.51
C LYS A 381 12.70 -18.52 -30.20
N GLN A 382 13.22 -19.74 -30.07
CA GLN A 382 14.70 -19.95 -29.97
C GLN A 382 15.27 -20.61 -31.22
N ALA A 383 14.54 -21.56 -31.81
CA ALA A 383 14.83 -22.09 -33.15
C ALA A 383 14.75 -20.99 -34.22
#